data_4J03
#
_entry.id   4J03
#
_cell.length_a   92.507
_cell.length_b   92.507
_cell.length_c   243.811
_cell.angle_alpha   90.00
_cell.angle_beta   90.00
_cell.angle_gamma   120.00
#
_symmetry.space_group_name_H-M   'P 65 2 2'
#
loop_
_entity.id
_entity.type
_entity.pdbx_description
1 polymer 'Bifunctional epoxide hydrolase 2'
2 non-polymer 'PHOSPHATE ION'
3 non-polymer 'MAGNESIUM ION'
4 non-polymer (7beta,9beta,13alpha,17beta)-7-{9-[(R)-(4,4,5,5,5-pentafluoropentyl)sulfinyl]nonyl}estra-1(10),2,4-triene-3,17-diol
5 water water
#
_entity_poly.entity_id   1
_entity_poly.type   'polypeptide(L)'
_entity_poly.pdbx_seq_one_letter_code
;MTLRAAVFDLDGVLALPAVFGVLGRTEEALALPRGLLNDAFQKGGPEGATTRLMKGEITLSQWIPLMEENCRKCSETAKV
CLPKNFSIKEIFDKAISARKINRPMLQAALMLRKKGFTTAILTNTWLDDRAERDGLAQLMCELKMHFDFLIESCQVGMVK
PEPQIYKFLLDTLKASPSEVVFLDDIGANLKPARDLGMVTILVQDTDTALKELEKVTGIQLLNTPAPLPTSCNPSDMSHG
YVTVKPRVRLHFVELGSGPAVCLCHGFPESWYSWRYQIPALAQAGYRVLAMDMKGYGESSAPPEIEEYCMEVLCKEMVTF
LDKLGLSQAVFIGHDWGGMLVWYMALFYPERVRAVASLNTPFIPANPNMSPLESIKANPVFDYQLYFQEPGVAEAELEQN
LSRTFKSLFRASDESVLSMHKVCEAGGLFVNSPEEPSLSRMVTEEEIQFYVQQFKKSGFRGPLNWYRNMERNWKWACKSL
GRKILIPALMVTAEKDFVLVPQMSQHMEDWIPHLKRGHIEDCGHWTQMDKPTEVNQILIKWLDSDARNPPVVSKM
;
_entity_poly.pdbx_strand_id   A
#
loop_
_chem_comp.id
_chem_comp.type
_chem_comp.name
_chem_comp.formula
FVS non-polymer (7beta,9beta,13alpha,17beta)-7-{9-[(R)-(4,4,5,5,5-pentafluoropentyl)sulfinyl]nonyl}estra-1(10),2,4-triene-3,17-diol 'C32 H47 F5 O3 S'
MG non-polymer 'MAGNESIUM ION' 'Mg 2'
PO4 non-polymer 'PHOSPHATE ION' 'O4 P -3'
#
# COMPACT_ATOMS: atom_id res chain seq x y z
N MET A 1 14.18 25.39 -18.19
CA MET A 1 13.58 25.66 -19.54
C MET A 1 14.15 24.75 -20.64
N THR A 2 13.69 23.51 -20.78
CA THR A 2 12.74 22.86 -19.86
C THR A 2 13.27 21.49 -19.45
N LEU A 3 13.32 21.27 -18.15
CA LEU A 3 13.64 19.97 -17.61
C LEU A 3 12.51 19.00 -17.93
N ARG A 4 12.85 17.72 -17.99
CA ARG A 4 11.86 16.65 -18.15
C ARG A 4 12.20 15.43 -17.31
N ALA A 5 13.39 15.40 -16.72
CA ALA A 5 13.83 14.23 -15.97
C ALA A 5 14.54 14.62 -14.66
N ALA A 6 14.38 13.78 -13.64
CA ALA A 6 15.03 14.01 -12.35
C ALA A 6 15.81 12.79 -11.89
N VAL A 7 17.09 12.97 -11.61
CA VAL A 7 17.94 11.87 -11.18
C VAL A 7 18.42 12.10 -9.75
N PHE A 8 18.14 11.14 -8.88
CA PHE A 8 18.50 11.25 -7.48
C PHE A 8 19.56 10.24 -7.05
N ASP A 9 20.63 10.73 -6.43
CA ASP A 9 21.61 9.92 -5.73
C ASP A 9 20.86 9.17 -4.63
N LEU A 10 21.41 8.07 -4.15
CA LEU A 10 20.77 7.32 -3.06
C LEU A 10 21.35 7.74 -1.70
N ASP A 11 22.59 7.33 -1.43
CA ASP A 11 23.22 7.61 -0.14
C ASP A 11 23.37 9.12 0.02
N GLY A 12 22.69 9.67 1.03
CA GLY A 12 22.75 11.10 1.34
C GLY A 12 21.80 11.97 0.54
N VAL A 13 20.90 11.37 -0.21
CA VAL A 13 19.91 12.13 -0.97
C VAL A 13 18.52 11.52 -0.80
N LEU A 14 18.35 10.27 -1.22
CA LEU A 14 17.07 9.57 -1.01
C LEU A 14 17.05 8.72 0.27
N ALA A 15 18.21 8.58 0.91
CA ALA A 15 18.34 7.72 2.07
C ALA A 15 19.34 8.33 3.04
N LEU A 16 18.92 8.49 4.29
CA LEU A 16 19.74 9.12 5.33
C LEU A 16 19.65 8.33 6.62
N PRO A 17 20.63 8.49 7.52
CA PRO A 17 21.91 9.19 7.32
C PRO A 17 22.86 8.40 6.41
N ALA A 18 23.70 9.12 5.67
CA ALA A 18 24.65 8.50 4.75
C ALA A 18 25.64 7.57 5.43
N VAL A 19 26.17 6.62 4.68
CA VAL A 19 27.08 5.63 5.23
C VAL A 19 28.51 6.20 5.43
N PHE A 20 28.86 7.28 4.73
CA PHE A 20 30.11 8.02 4.98
C PHE A 20 30.11 8.65 6.38
N GLY A 21 28.92 9.01 6.86
CA GLY A 21 28.75 9.52 8.21
C GLY A 21 29.10 8.51 9.30
N VAL A 22 28.97 7.22 8.99
CA VAL A 22 29.32 6.14 9.93
C VAL A 22 30.79 5.75 9.82
N LEU A 23 31.52 6.34 8.87
CA LEU A 23 32.97 6.31 8.89
C LEU A 23 33.45 7.28 9.97
N GLY A 24 33.06 8.55 9.82
CA GLY A 24 33.54 9.62 10.68
C GLY A 24 33.15 9.46 12.15
N ARG A 25 31.92 9.00 12.38
CA ARG A 25 31.42 8.84 13.74
C ARG A 25 32.16 7.74 14.49
N THR A 26 32.37 6.61 13.81
CA THR A 26 33.11 5.49 14.40
C THR A 26 34.52 5.91 14.80
N GLU A 27 35.15 6.74 13.98
CA GLU A 27 36.49 7.26 14.27
C GLU A 27 36.51 8.09 15.54
N GLU A 28 35.59 9.05 15.63
CA GLU A 28 35.47 9.91 16.80
C GLU A 28 35.13 9.10 18.04
N ALA A 29 34.19 8.17 17.91
CA ALA A 29 33.86 7.27 19.01
C ALA A 29 35.11 6.56 19.52
N LEU A 30 35.87 5.96 18.60
CA LEU A 30 37.04 5.16 18.96
C LEU A 30 38.31 5.97 19.10
N ALA A 31 38.19 7.30 19.01
CA ALA A 31 39.35 8.18 19.08
C ALA A 31 40.45 7.71 18.11
N LEU A 32 40.05 7.40 16.87
CA LEU A 32 40.99 7.01 15.82
C LEU A 32 41.51 8.23 15.08
N PRO A 33 42.72 8.13 14.52
CA PRO A 33 43.25 9.24 13.75
C PRO A 33 42.24 9.71 12.71
N ARG A 34 41.97 11.01 12.69
CA ARG A 34 41.11 11.60 11.68
C ARG A 34 41.44 10.99 10.31
N GLY A 35 40.40 10.56 9.58
CA GLY A 35 40.59 9.85 8.33
C GLY A 35 40.62 8.34 8.52
N LEU A 36 41.81 7.79 8.76
CA LEU A 36 42.06 6.33 8.83
C LEU A 36 41.07 5.41 8.08
N LEU A 37 39.83 5.36 8.57
CA LEU A 37 38.81 4.49 7.98
C LEU A 37 38.43 4.94 6.57
N ASN A 38 38.21 6.24 6.40
CA ASN A 38 37.93 6.80 5.08
C ASN A 38 39.11 6.63 4.12
N ASP A 39 40.32 6.66 4.65
CA ASP A 39 41.52 6.41 3.85
C ASP A 39 41.60 4.96 3.39
N ALA A 40 41.13 4.05 4.25
CA ALA A 40 41.10 2.61 3.92
C ALA A 40 40.03 2.28 2.88
N PHE A 41 38.89 2.93 2.99
CA PHE A 41 37.79 2.81 2.03
C PHE A 41 38.25 3.19 0.62
N GLN A 42 38.82 4.39 0.48
CA GLN A 42 39.24 4.91 -0.82
C GLN A 42 40.61 4.37 -1.29
N LYS A 43 41.22 3.48 -0.51
CA LYS A 43 42.57 3.00 -0.81
C LYS A 43 42.66 2.27 -2.14
N GLY A 44 43.56 2.72 -3.02
CA GLY A 44 43.75 2.10 -4.33
C GLY A 44 43.15 2.90 -5.48
N GLY A 45 42.23 3.81 -5.16
CA GLY A 45 41.63 4.71 -6.15
C GLY A 45 40.78 3.94 -7.15
N PRO A 46 40.79 4.38 -8.42
CA PRO A 46 40.10 3.69 -9.52
C PRO A 46 40.31 2.18 -9.60
N GLU A 47 41.50 1.71 -9.21
CA GLU A 47 41.81 0.26 -9.20
C GLU A 47 41.74 -0.38 -7.78
N GLY A 48 41.22 0.34 -6.80
CA GLY A 48 41.12 -0.15 -5.42
C GLY A 48 39.99 -1.13 -5.19
N ALA A 49 39.99 -1.76 -4.01
CA ALA A 49 38.97 -2.76 -3.68
C ALA A 49 37.55 -2.18 -3.72
N THR A 50 37.39 -0.99 -3.15
CA THR A 50 36.08 -0.34 -3.13
C THR A 50 35.55 -0.06 -4.55
N THR A 51 36.42 0.34 -5.49
CA THR A 51 35.97 0.56 -6.88
C THR A 51 35.56 -0.76 -7.56
N ARG A 52 36.28 -1.84 -7.25
CA ARG A 52 35.92 -3.16 -7.75
C ARG A 52 34.58 -3.55 -7.21
N LEU A 53 34.35 -3.30 -5.92
CA LEU A 53 33.07 -3.61 -5.26
C LEU A 53 31.91 -2.91 -5.96
N MET A 54 32.07 -1.61 -6.19
CA MET A 54 31.01 -0.77 -6.76
C MET A 54 30.69 -1.13 -8.20
N LYS A 55 31.63 -1.80 -8.90
CA LYS A 55 31.42 -2.28 -10.27
C LYS A 55 30.91 -3.71 -10.35
N GLY A 56 30.63 -4.33 -9.20
CA GLY A 56 30.13 -5.69 -9.19
C GLY A 56 31.17 -6.74 -9.58
N GLU A 57 32.45 -6.42 -9.40
CA GLU A 57 33.52 -7.38 -9.63
C GLU A 57 33.57 -8.38 -8.50
N ILE A 58 33.37 -7.86 -7.30
CA ILE A 58 33.31 -8.66 -6.08
C ILE A 58 32.11 -8.22 -5.23
N THR A 59 31.72 -9.09 -4.29
CA THR A 59 30.58 -8.86 -3.42
C THR A 59 31.02 -8.18 -2.15
N LEU A 60 30.03 -7.71 -1.38
CA LEU A 60 30.29 -6.98 -0.15
C LEU A 60 31.06 -7.85 0.85
N SER A 61 30.68 -9.11 0.97
CA SER A 61 31.35 -10.05 1.86
C SER A 61 32.78 -10.40 1.42
N GLN A 62 33.05 -10.33 0.11
CA GLN A 62 34.41 -10.46 -0.43
C GLN A 62 35.26 -9.25 -0.08
N TRP A 63 34.59 -8.10 0.04
CA TRP A 63 35.25 -6.82 0.27
C TRP A 63 35.61 -6.59 1.74
N ILE A 64 34.89 -7.22 2.66
CA ILE A 64 35.07 -6.96 4.10
C ILE A 64 36.51 -7.22 4.50
N PRO A 65 37.08 -8.38 4.11
CA PRO A 65 38.47 -8.67 4.45
C PRO A 65 39.44 -7.75 3.73
N LEU A 66 39.17 -7.45 2.47
CA LEU A 66 40.00 -6.51 1.72
C LEU A 66 40.00 -5.12 2.34
N MET A 67 38.85 -4.71 2.90
CA MET A 67 38.72 -3.44 3.61
C MET A 67 39.46 -3.50 4.94
N GLU A 68 39.40 -4.63 5.63
CA GLU A 68 40.16 -4.82 6.86
C GLU A 68 41.67 -4.83 6.60
N GLU A 69 42.06 -5.37 5.45
CA GLU A 69 43.46 -5.32 5.01
C GLU A 69 43.91 -3.87 5.00
N ASN A 70 43.08 -3.02 4.37
CA ASN A 70 43.38 -1.60 4.23
C ASN A 70 43.39 -0.86 5.57
N CYS A 71 42.55 -1.29 6.51
CA CYS A 71 42.52 -0.73 7.87
C CYS A 71 43.64 -1.27 8.77
N ARG A 72 44.23 -2.39 8.36
CA ARG A 72 45.39 -2.95 9.07
C ARG A 72 46.66 -2.14 8.79
N LYS A 73 46.87 -1.82 7.51
CA LYS A 73 48.11 -1.14 7.06
C LYS A 73 48.00 0.40 6.94
N CYS A 74 46.77 0.94 6.96
CA CYS A 74 46.59 2.39 7.15
C CYS A 74 46.97 2.73 8.60
N SER A 75 46.54 1.89 9.54
CA SER A 75 46.87 2.06 10.96
C SER A 75 48.33 1.74 11.27
N GLU A 76 48.96 0.88 10.46
CA GLU A 76 50.38 0.54 10.62
C GLU A 76 51.33 1.61 10.05
N THR A 77 50.83 2.45 9.13
CA THR A 77 51.61 3.59 8.63
C THR A 77 51.73 4.69 9.69
N ALA A 78 50.69 4.86 10.52
CA ALA A 78 50.72 5.76 11.67
C ALA A 78 51.12 5.04 12.97
N LYS A 79 51.53 3.77 12.84
CA LYS A 79 51.95 2.92 13.97
C LYS A 79 50.89 2.77 15.07
N VAL A 80 49.63 2.85 14.67
CA VAL A 80 48.49 2.78 15.59
C VAL A 80 48.00 1.33 15.71
N CYS A 81 47.43 1.02 16.87
CA CYS A 81 46.83 -0.30 17.14
C CYS A 81 45.31 -0.20 16.99
N LEU A 82 44.71 -1.18 16.32
CA LEU A 82 43.25 -1.27 16.23
C LEU A 82 42.70 -1.75 17.57
N PRO A 83 41.43 -1.40 17.89
CA PRO A 83 40.87 -1.75 19.20
C PRO A 83 40.55 -3.23 19.35
N LYS A 84 40.68 -3.75 20.57
CA LYS A 84 40.46 -5.16 20.90
C LYS A 84 39.27 -5.74 20.12
N ASN A 85 38.16 -5.02 20.13
CA ASN A 85 36.90 -5.50 19.54
C ASN A 85 36.54 -4.72 18.28
N PHE A 86 37.37 -4.87 17.25
CA PHE A 86 37.13 -4.22 15.95
C PHE A 86 36.48 -5.23 15.00
N SER A 87 35.42 -4.80 14.33
CA SER A 87 34.72 -5.63 13.35
C SER A 87 34.07 -4.74 12.31
N ILE A 88 34.76 -4.57 11.18
CA ILE A 88 34.31 -3.65 10.14
C ILE A 88 33.00 -4.13 9.49
N LYS A 89 32.67 -5.40 9.68
CA LYS A 89 31.35 -5.90 9.33
C LYS A 89 30.31 -5.26 10.27
N GLU A 90 30.60 -5.24 11.57
CA GLU A 90 29.66 -4.71 12.58
C GLU A 90 29.39 -3.22 12.41
N ILE A 91 30.43 -2.48 12.04
CA ILE A 91 30.28 -1.04 11.82
C ILE A 91 29.35 -0.81 10.62
N PHE A 92 29.64 -1.48 9.51
CA PHE A 92 28.88 -1.31 8.27
C PHE A 92 27.47 -1.90 8.30
N ASP A 93 27.25 -2.90 9.15
CA ASP A 93 25.91 -3.45 9.34
C ASP A 93 24.98 -2.39 9.95
N LYS A 94 25.46 -1.77 11.03
CA LYS A 94 24.73 -0.72 11.75
C LYS A 94 24.40 0.48 10.86
N ALA A 95 25.40 0.96 10.13
CA ALA A 95 25.25 2.07 9.19
C ALA A 95 24.13 1.84 8.18
N ILE A 96 24.01 0.58 7.74
CA ILE A 96 23.10 0.19 6.65
C ILE A 96 21.65 0.08 7.11
N SER A 97 21.43 -0.45 8.30
CA SER A 97 20.07 -0.53 8.84
C SER A 97 19.64 0.82 9.41
N ALA A 98 20.61 1.59 9.91
CA ALA A 98 20.38 2.96 10.37
C ALA A 98 19.94 3.86 9.24
N ARG A 99 20.48 3.62 8.05
CA ARG A 99 20.08 4.35 6.85
C ARG A 99 18.62 4.10 6.58
N LYS A 100 17.85 5.17 6.41
CA LYS A 100 16.41 5.09 6.11
C LYS A 100 16.01 6.11 5.04
N ILE A 101 14.88 5.86 4.38
CA ILE A 101 14.43 6.71 3.28
C ILE A 101 14.24 8.14 3.77
N ASN A 102 14.79 9.08 3.03
CA ASN A 102 14.58 10.51 3.27
C ASN A 102 13.21 10.86 2.69
N ARG A 103 12.20 10.91 3.54
CA ARG A 103 10.82 10.98 3.09
C ARG A 103 10.50 12.22 2.25
N PRO A 104 10.96 13.42 2.69
CA PRO A 104 10.69 14.62 1.88
C PRO A 104 11.31 14.64 0.47
N MET A 105 12.42 13.92 0.29
CA MET A 105 13.00 13.76 -1.04
C MET A 105 12.16 12.78 -1.87
N LEU A 106 11.71 11.70 -1.25
CA LEU A 106 10.90 10.72 -1.94
C LEU A 106 9.58 11.35 -2.39
N GLN A 107 8.99 12.22 -1.57
CA GLN A 107 7.76 12.94 -1.95
C GLN A 107 8.05 13.86 -3.11
N ALA A 108 9.14 14.61 -3.00
CA ALA A 108 9.57 15.52 -4.08
C ALA A 108 9.68 14.83 -5.44
N ALA A 109 10.15 13.58 -5.43
CA ALA A 109 10.32 12.81 -6.66
C ALA A 109 8.98 12.35 -7.19
N LEU A 110 8.11 11.91 -6.30
CA LEU A 110 6.76 11.49 -6.69
C LEU A 110 6.07 12.64 -7.37
N MET A 111 6.12 13.81 -6.72
CA MET A 111 5.52 15.02 -7.22
C MET A 111 5.96 15.31 -8.64
N LEU A 112 7.28 15.26 -8.86
CA LEU A 112 7.84 15.53 -10.18
C LEU A 112 7.38 14.49 -11.18
N ARG A 113 7.27 13.23 -10.74
CA ARG A 113 6.79 12.16 -11.60
C ARG A 113 5.28 12.30 -11.89
N LYS A 114 4.52 12.76 -10.90
CA LYS A 114 3.11 13.11 -11.10
C LYS A 114 2.91 14.18 -12.17
N LYS A 115 3.91 15.04 -12.37
CA LYS A 115 3.79 16.15 -13.31
C LYS A 115 4.52 15.93 -14.65
N GLY A 116 4.81 14.67 -14.99
CA GLY A 116 5.37 14.34 -16.30
C GLY A 116 6.88 14.13 -16.37
N PHE A 117 7.55 14.20 -15.23
CA PHE A 117 8.99 13.94 -15.18
C PHE A 117 9.33 12.46 -15.25
N THR A 118 10.40 12.15 -15.96
CA THR A 118 10.98 10.84 -15.96
C THR A 118 11.97 10.82 -14.80
N THR A 119 11.66 10.06 -13.75
CA THR A 119 12.53 10.00 -12.58
C THR A 119 13.40 8.76 -12.63
N ALA A 120 14.60 8.85 -12.04
CA ALA A 120 15.50 7.70 -11.96
C ALA A 120 16.46 7.82 -10.78
N ILE A 121 16.91 6.67 -10.28
CA ILE A 121 17.90 6.61 -9.19
C ILE A 121 19.24 6.23 -9.80
N LEU A 122 20.26 7.05 -9.54
CA LEU A 122 21.62 6.76 -9.97
C LEU A 122 22.54 6.66 -8.76
N THR A 123 22.99 5.45 -8.44
CA THR A 123 23.72 5.19 -7.21
C THR A 123 24.88 4.23 -7.35
N ASN A 124 25.99 4.59 -6.71
CA ASN A 124 27.10 3.68 -6.51
C ASN A 124 26.76 2.77 -5.35
N THR A 125 26.56 1.49 -5.64
CA THR A 125 26.21 0.53 -4.59
C THR A 125 26.72 -0.88 -4.96
N TRP A 126 26.38 -1.88 -4.14
CA TRP A 126 27.11 -3.13 -4.10
C TRP A 126 26.25 -4.39 -4.16
N LEU A 127 26.87 -5.49 -4.57
CA LEU A 127 26.23 -6.79 -4.52
C LEU A 127 26.25 -7.32 -3.09
N ASP A 128 25.14 -7.12 -2.38
CA ASP A 128 25.06 -7.33 -0.94
C ASP A 128 24.78 -8.79 -0.61
N ASP A 129 25.79 -9.56 -0.19
CA ASP A 129 25.60 -10.97 0.16
C ASP A 129 25.79 -11.26 1.65
N ARG A 130 25.56 -10.24 2.49
CA ARG A 130 25.68 -10.39 3.95
C ARG A 130 24.51 -11.21 4.49
N ALA A 131 24.62 -11.62 5.74
CA ALA A 131 23.55 -12.35 6.41
C ALA A 131 22.30 -11.50 6.54
N GLU A 132 22.46 -10.19 6.64
CA GLU A 132 21.34 -9.28 6.92
C GLU A 132 21.03 -8.35 5.74
N ARG A 133 21.28 -8.84 4.53
CA ARG A 133 21.10 -8.03 3.32
C ARG A 133 19.63 -7.82 2.97
N ASP A 134 18.75 -8.53 3.64
CA ASP A 134 17.32 -8.39 3.39
C ASP A 134 16.82 -7.01 3.79
N GLY A 135 17.52 -6.39 4.74
CA GLY A 135 17.16 -5.05 5.20
C GLY A 135 17.22 -4.05 4.08
N LEU A 136 18.39 -3.98 3.44
CA LEU A 136 18.60 -3.08 2.31
C LEU A 136 17.71 -3.47 1.13
N ALA A 137 17.54 -4.77 0.90
CA ALA A 137 16.70 -5.24 -0.21
C ALA A 137 15.29 -4.65 -0.17
N GLN A 138 14.70 -4.58 1.04
CA GLN A 138 13.37 -3.98 1.24
C GLN A 138 13.40 -2.48 0.97
N LEU A 139 14.42 -1.82 1.50
CA LEU A 139 14.60 -0.39 1.29
C LEU A 139 14.60 -0.10 -0.21
N MET A 140 15.32 -0.93 -0.96
CA MET A 140 15.44 -0.76 -2.40
C MET A 140 14.12 -1.08 -3.10
N CYS A 141 13.40 -2.09 -2.63
CA CYS A 141 12.08 -2.40 -3.17
C CYS A 141 11.13 -1.23 -3.02
N GLU A 142 11.01 -0.71 -1.80
CA GLU A 142 10.10 0.42 -1.56
C GLU A 142 10.43 1.58 -2.48
N LEU A 143 11.72 1.87 -2.63
CA LEU A 143 12.15 2.99 -3.45
C LEU A 143 11.80 2.78 -4.92
N LYS A 144 12.25 1.67 -5.50
CA LYS A 144 12.21 1.53 -6.95
C LYS A 144 10.81 1.57 -7.58
N MET A 145 9.76 1.17 -6.84
CA MET A 145 8.38 1.29 -7.36
C MET A 145 8.11 2.71 -7.85
N HIS A 146 8.70 3.69 -7.15
CA HIS A 146 8.42 5.11 -7.39
C HIS A 146 9.33 5.79 -8.44
N PHE A 147 10.11 5.00 -9.17
CA PHE A 147 11.02 5.55 -10.17
C PHE A 147 11.03 4.71 -11.43
N ASP A 148 11.23 5.38 -12.55
CA ASP A 148 11.18 4.71 -13.84
C ASP A 148 12.39 3.81 -14.02
N PHE A 149 13.50 4.20 -13.43
CA PHE A 149 14.73 3.41 -13.54
C PHE A 149 15.46 3.44 -12.21
N LEU A 150 16.16 2.35 -11.95
CA LEU A 150 17.06 2.25 -10.83
C LEU A 150 18.35 1.77 -11.43
N ILE A 151 19.34 2.65 -11.51
CA ILE A 151 20.62 2.34 -12.11
C ILE A 151 21.68 2.20 -11.01
N GLU A 152 22.07 0.95 -10.73
CA GLU A 152 23.06 0.66 -9.70
C GLU A 152 24.41 0.41 -10.36
N SER A 153 25.46 0.89 -9.72
CA SER A 153 26.79 0.76 -10.30
C SER A 153 27.20 -0.71 -10.47
N CYS A 154 26.93 -1.53 -9.46
CA CYS A 154 27.36 -2.94 -9.50
C CYS A 154 26.60 -3.81 -10.49
N GLN A 155 25.49 -3.29 -11.01
CA GLN A 155 24.71 -4.01 -12.02
C GLN A 155 25.16 -3.67 -13.43
N VAL A 156 25.62 -2.42 -13.64
CA VAL A 156 25.99 -1.93 -14.96
C VAL A 156 27.48 -1.94 -15.21
N GLY A 157 28.27 -2.17 -14.16
CA GLY A 157 29.72 -2.25 -14.27
C GLY A 157 30.36 -0.89 -14.48
N MET A 158 29.64 0.17 -14.14
CA MET A 158 30.12 1.54 -14.29
C MET A 158 29.84 2.29 -13.00
N VAL A 159 30.67 3.29 -12.69
CA VAL A 159 30.63 3.94 -11.38
C VAL A 159 30.76 5.45 -11.52
N LYS A 160 30.07 6.21 -10.67
CA LYS A 160 30.29 7.65 -10.59
C LYS A 160 31.70 7.90 -10.03
N PRO A 161 32.41 8.94 -10.52
CA PRO A 161 32.05 9.96 -11.50
C PRO A 161 32.54 9.71 -12.93
N GLU A 162 32.60 8.44 -13.33
CA GLU A 162 33.05 8.08 -14.66
C GLU A 162 32.08 8.67 -15.66
N PRO A 163 32.57 9.46 -16.63
CA PRO A 163 31.67 10.04 -17.64
C PRO A 163 30.77 9.01 -18.38
N GLN A 164 31.27 7.79 -18.60
CA GLN A 164 30.53 6.76 -19.32
C GLN A 164 29.15 6.45 -18.71
N ILE A 165 29.10 6.36 -17.37
CA ILE A 165 27.83 6.06 -16.70
C ILE A 165 26.81 7.19 -16.91
N TYR A 166 27.28 8.43 -16.99
CA TYR A 166 26.38 9.55 -17.26
C TYR A 166 25.81 9.39 -18.67
N LYS A 167 26.64 9.00 -19.62
CA LYS A 167 26.17 8.74 -20.98
C LYS A 167 25.16 7.58 -21.00
N PHE A 168 25.37 6.60 -20.14
CA PHE A 168 24.41 5.51 -19.97
C PHE A 168 23.07 6.06 -19.51
N LEU A 169 23.14 6.90 -18.48
CA LEU A 169 21.96 7.54 -17.90
C LEU A 169 21.15 8.27 -18.97
N LEU A 170 21.82 9.11 -19.74
CA LEU A 170 21.18 9.87 -20.82
C LEU A 170 20.50 8.95 -21.80
N ASP A 171 21.25 7.94 -22.23
CA ASP A 171 20.74 6.93 -23.14
C ASP A 171 19.52 6.23 -22.55
N THR A 172 19.57 5.93 -21.26
CA THR A 172 18.45 5.24 -20.58
C THR A 172 17.21 6.13 -20.45
N LEU A 173 17.42 7.42 -20.17
CA LEU A 173 16.31 8.39 -20.07
C LEU A 173 15.75 8.78 -21.43
N LYS A 174 16.51 8.53 -22.50
CA LYS A 174 16.14 8.95 -23.85
C LYS A 174 15.84 10.44 -23.83
N ALA A 175 16.81 11.21 -23.35
CA ALA A 175 16.65 12.64 -23.16
C ALA A 175 17.97 13.35 -23.24
N SER A 176 17.95 14.59 -23.74
CA SER A 176 19.18 15.35 -23.93
C SER A 176 19.68 15.90 -22.59
N PRO A 177 20.99 16.18 -22.50
CA PRO A 177 21.63 16.63 -21.27
C PRO A 177 20.94 17.77 -20.53
N SER A 178 20.46 18.78 -21.25
CA SER A 178 19.84 19.94 -20.61
C SER A 178 18.38 19.71 -20.24
N GLU A 179 17.89 18.48 -20.42
CA GLU A 179 16.53 18.12 -20.02
C GLU A 179 16.47 17.32 -18.71
N VAL A 180 17.57 17.31 -17.97
CA VAL A 180 17.67 16.45 -16.79
C VAL A 180 18.41 17.13 -15.62
N VAL A 181 17.78 17.12 -14.44
CA VAL A 181 18.45 17.51 -13.20
C VAL A 181 19.00 16.28 -12.52
N PHE A 182 20.21 16.42 -11.97
CA PHE A 182 20.86 15.36 -11.24
C PHE A 182 21.27 15.90 -9.86
N LEU A 183 20.74 15.29 -8.81
CA LEU A 183 21.02 15.71 -7.44
C LEU A 183 21.95 14.68 -6.78
N ASP A 184 22.98 15.15 -6.08
CA ASP A 184 23.94 14.24 -5.46
C ASP A 184 24.63 14.97 -4.32
N ASP A 185 25.10 14.22 -3.33
CA ASP A 185 25.73 14.81 -2.13
C ASP A 185 27.27 14.93 -2.22
N ILE A 186 27.81 14.77 -3.43
CA ILE A 186 29.25 14.79 -3.68
C ILE A 186 29.57 15.67 -4.90
N GLY A 187 30.49 16.61 -4.72
CA GLY A 187 30.85 17.55 -5.78
C GLY A 187 31.34 16.85 -7.03
N ALA A 188 32.17 15.84 -6.83
CA ALA A 188 32.83 15.13 -7.93
C ALA A 188 31.88 14.44 -8.89
N ASN A 189 30.68 14.10 -8.42
CA ASN A 189 29.70 13.41 -9.25
C ASN A 189 28.84 14.38 -10.08
N LEU A 190 28.94 15.67 -9.77
CA LEU A 190 28.20 16.70 -10.47
C LEU A 190 28.98 17.29 -11.66
N LYS A 191 30.31 17.38 -11.52
CA LYS A 191 31.16 17.93 -12.58
C LYS A 191 30.98 17.22 -13.92
N PRO A 192 31.10 15.88 -13.95
CA PRO A 192 30.86 15.18 -15.22
C PRO A 192 29.47 15.44 -15.78
N ALA A 193 28.48 15.62 -14.92
CA ALA A 193 27.12 15.90 -15.37
C ALA A 193 27.07 17.25 -16.03
N ARG A 194 27.58 18.26 -15.33
CA ARG A 194 27.64 19.62 -15.88
C ARG A 194 28.29 19.72 -17.26
N ASP A 195 29.35 18.93 -17.46
CA ASP A 195 30.09 18.94 -18.73
C ASP A 195 29.27 18.51 -19.96
N LEU A 196 28.28 17.63 -19.75
CA LEU A 196 27.37 17.23 -20.84
C LEU A 196 26.24 18.24 -21.00
N GLY A 197 26.11 19.14 -20.02
CA GLY A 197 25.10 20.20 -20.05
C GLY A 197 23.93 19.94 -19.12
N MET A 198 24.16 19.18 -18.06
CA MET A 198 23.09 18.85 -17.12
C MET A 198 22.97 19.95 -16.07
N VAL A 199 21.75 20.12 -15.55
CA VAL A 199 21.55 20.91 -14.34
C VAL A 199 21.88 19.99 -13.16
N THR A 200 22.67 20.50 -12.23
CA THR A 200 22.98 19.74 -11.03
C THR A 200 22.57 20.53 -9.80
N ILE A 201 22.58 19.83 -8.67
CA ILE A 201 22.23 20.42 -7.38
C ILE A 201 23.10 19.72 -6.34
N LEU A 202 23.92 20.49 -5.64
CA LEU A 202 24.69 19.94 -4.55
C LEU A 202 23.76 19.82 -3.34
N VAL A 203 23.47 18.57 -2.97
CA VAL A 203 22.57 18.26 -1.86
C VAL A 203 23.39 18.22 -0.58
N GLN A 204 23.16 19.18 0.30
CA GLN A 204 23.65 19.08 1.67
C GLN A 204 22.42 18.79 2.54
N ASP A 205 21.86 19.79 3.21
CA ASP A 205 20.59 19.58 3.89
C ASP A 205 19.51 19.42 2.84
N THR A 206 18.48 18.67 3.18
CA THR A 206 17.44 18.34 2.24
C THR A 206 16.61 19.54 1.82
N ASP A 207 16.25 20.40 2.76
CA ASP A 207 15.36 21.53 2.48
C ASP A 207 15.91 22.49 1.42
N THR A 208 17.19 22.80 1.53
CA THR A 208 17.84 23.74 0.61
C THR A 208 17.96 23.12 -0.79
N ALA A 209 18.13 21.80 -0.81
CA ALA A 209 18.20 21.07 -2.06
C ALA A 209 16.87 21.16 -2.82
N LEU A 210 15.77 21.08 -2.09
CA LEU A 210 14.45 21.13 -2.71
C LEU A 210 14.17 22.51 -3.24
N LYS A 211 14.57 23.53 -2.49
CA LYS A 211 14.41 24.91 -2.92
C LYS A 211 15.02 25.07 -4.31
N GLU A 212 16.26 24.61 -4.46
CA GLU A 212 16.97 24.66 -5.74
C GLU A 212 16.16 23.91 -6.80
N LEU A 213 15.84 22.64 -6.52
CA LEU A 213 15.03 21.81 -7.42
C LEU A 213 13.72 22.50 -7.75
N GLU A 214 13.02 22.94 -6.71
CA GLU A 214 11.79 23.70 -6.84
C GLU A 214 12.02 24.85 -7.84
N LYS A 215 13.04 25.65 -7.60
CA LYS A 215 13.30 26.85 -8.43
C LYS A 215 13.54 26.51 -9.89
N VAL A 216 14.31 25.45 -10.14
CA VAL A 216 14.74 25.13 -11.49
C VAL A 216 13.68 24.34 -12.27
N THR A 217 12.78 23.69 -11.56
CA THR A 217 11.68 22.95 -12.19
C THR A 217 10.42 23.80 -12.27
N GLY A 218 10.27 24.75 -11.34
CA GLY A 218 9.08 25.59 -11.29
C GLY A 218 7.82 24.83 -10.91
N ILE A 219 7.95 23.95 -9.92
CA ILE A 219 6.81 23.20 -9.39
C ILE A 219 6.94 23.16 -7.87
N GLN A 220 5.84 23.39 -7.16
CA GLN A 220 5.87 23.34 -5.70
C GLN A 220 6.25 21.92 -5.22
N LEU A 221 7.41 21.81 -4.57
CA LEU A 221 7.86 20.57 -3.96
C LEU A 221 7.96 20.64 -2.43
N LEU A 222 8.51 21.73 -1.91
CA LEU A 222 8.56 21.97 -0.46
C LEU A 222 7.24 22.46 0.10
N ASN A 223 6.85 21.93 1.25
CA ASN A 223 5.69 22.42 1.98
C ASN A 223 4.33 22.00 1.42
N THR A 224 4.32 21.21 0.36
CA THR A 224 3.06 20.82 -0.27
C THR A 224 2.29 19.92 0.66
N PRO A 225 0.97 19.83 0.49
CA PRO A 225 0.19 19.04 1.44
C PRO A 225 0.60 17.58 1.47
N ALA A 226 0.27 16.91 2.58
CA ALA A 226 0.52 15.48 2.72
C ALA A 226 -0.15 14.73 1.57
N PRO A 227 0.63 13.99 0.78
CA PRO A 227 0.05 13.35 -0.41
C PRO A 227 -0.64 12.06 -0.04
N LEU A 228 -1.45 11.53 -0.96
CA LEU A 228 -2.15 10.27 -0.71
C LEU A 228 -1.18 9.11 -0.60
N PRO A 229 -1.60 8.02 0.07
CA PRO A 229 -0.83 6.79 0.03
C PRO A 229 -0.65 6.29 -1.39
N THR A 230 0.29 5.36 -1.56
CA THR A 230 0.51 4.74 -2.85
C THR A 230 -0.73 3.95 -3.25
N SER A 231 -1.16 4.16 -4.49
CA SER A 231 -2.31 3.46 -5.06
C SER A 231 -1.79 2.27 -5.89
N CYS A 232 -2.70 1.50 -6.47
CA CYS A 232 -2.35 0.30 -7.25
C CYS A 232 -2.72 0.45 -8.70
N ASN A 233 -1.76 0.21 -9.59
CA ASN A 233 -2.08 0.11 -11.00
C ASN A 233 -2.38 -1.38 -11.27
N PRO A 234 -3.63 -1.70 -11.64
CA PRO A 234 -4.07 -3.09 -11.79
C PRO A 234 -3.15 -4.01 -12.60
N SER A 235 -2.53 -3.48 -13.65
CA SER A 235 -1.69 -4.31 -14.53
C SER A 235 -0.31 -4.61 -13.93
N ASP A 236 0.11 -3.89 -12.90
CA ASP A 236 1.33 -4.25 -12.17
C ASP A 236 1.07 -5.28 -11.07
N MET A 237 -0.18 -5.48 -10.71
CA MET A 237 -0.52 -6.39 -9.61
C MET A 237 -0.37 -7.87 -9.97
N SER A 238 -0.12 -8.70 -8.97
CA SER A 238 -0.18 -10.15 -9.13
C SER A 238 -1.64 -10.55 -8.95
N HIS A 239 -2.19 -11.28 -9.91
CA HIS A 239 -3.59 -11.71 -9.88
C HIS A 239 -3.66 -13.21 -9.64
N GLY A 240 -4.54 -13.61 -8.73
CA GLY A 240 -4.65 -15.00 -8.29
C GLY A 240 -6.04 -15.55 -8.57
N TYR A 241 -6.12 -16.85 -8.80
CA TYR A 241 -7.36 -17.48 -9.23
C TYR A 241 -7.47 -18.87 -8.60
N VAL A 242 -8.55 -19.06 -7.85
CA VAL A 242 -8.81 -20.32 -7.15
C VAL A 242 -10.24 -20.71 -7.46
N THR A 243 -10.45 -21.94 -7.91
CA THR A 243 -11.80 -22.41 -8.03
C THR A 243 -12.11 -23.17 -6.74
N VAL A 244 -13.23 -22.83 -6.13
CA VAL A 244 -13.61 -23.32 -4.82
C VAL A 244 -14.79 -24.27 -4.93
N LYS A 245 -15.22 -24.53 -6.16
CA LYS A 245 -16.49 -25.20 -6.44
C LYS A 245 -16.61 -25.28 -7.96
N PRO A 246 -17.25 -26.34 -8.49
CA PRO A 246 -17.46 -26.54 -9.91
C PRO A 246 -17.46 -25.28 -10.79
N ARG A 247 -18.42 -24.39 -10.60
CA ARG A 247 -18.46 -23.17 -11.41
C ARG A 247 -18.39 -21.94 -10.54
N VAL A 248 -17.48 -21.95 -9.59
CA VAL A 248 -17.20 -20.77 -8.79
C VAL A 248 -15.70 -20.64 -8.68
N ARG A 249 -15.18 -19.56 -9.25
CA ARG A 249 -13.78 -19.22 -9.15
C ARG A 249 -13.66 -17.87 -8.47
N LEU A 250 -12.78 -17.77 -7.48
CA LEU A 250 -12.52 -16.53 -6.80
C LEU A 250 -11.24 -15.89 -7.31
N HIS A 251 -11.29 -14.59 -7.53
CA HIS A 251 -10.15 -13.82 -7.98
C HIS A 251 -9.68 -12.86 -6.92
N PHE A 252 -8.36 -12.75 -6.76
CA PHE A 252 -7.78 -11.87 -5.77
C PHE A 252 -6.45 -11.29 -6.24
N VAL A 253 -6.09 -10.15 -5.67
CA VAL A 253 -4.81 -9.50 -5.94
C VAL A 253 -3.90 -9.72 -4.74
N GLU A 254 -2.62 -10.01 -5.00
CA GLU A 254 -1.68 -10.43 -3.97
C GLU A 254 -0.44 -9.52 -3.96
N LEU A 255 -0.02 -9.11 -2.78
CA LEU A 255 1.12 -8.23 -2.63
C LEU A 255 1.59 -8.25 -1.20
N GLY A 256 2.87 -8.57 -1.02
CA GLY A 256 3.49 -8.56 0.29
C GLY A 256 3.88 -9.95 0.71
N SER A 257 4.70 -10.02 1.74
CA SER A 257 5.04 -11.28 2.37
C SER A 257 4.75 -11.13 3.86
N GLY A 258 4.44 -12.22 4.52
CA GLY A 258 4.11 -12.20 5.96
C GLY A 258 2.76 -12.85 6.26
N PRO A 259 2.18 -12.54 7.42
CA PRO A 259 0.90 -13.14 7.75
C PRO A 259 -0.14 -12.76 6.73
N ALA A 260 -1.02 -13.71 6.41
CA ALA A 260 -2.07 -13.49 5.42
C ALA A 260 -3.09 -12.48 5.92
N VAL A 261 -3.35 -11.45 5.13
CA VAL A 261 -4.41 -10.50 5.42
C VAL A 261 -5.38 -10.49 4.25
N CYS A 262 -6.61 -10.95 4.50
CA CYS A 262 -7.62 -11.11 3.48
C CYS A 262 -8.59 -9.94 3.55
N LEU A 263 -8.63 -9.14 2.49
CA LEU A 263 -9.50 -7.96 2.43
C LEU A 263 -10.80 -8.22 1.66
N CYS A 264 -11.93 -8.05 2.35
CA CYS A 264 -13.24 -8.34 1.79
C CYS A 264 -14.03 -7.03 1.57
N HIS A 265 -14.21 -6.66 0.31
CA HIS A 265 -14.85 -5.38 -0.03
C HIS A 265 -16.37 -5.44 0.07
N GLY A 266 -17.01 -4.28 -0.06
CA GLY A 266 -18.46 -4.16 0.11
C GLY A 266 -19.26 -4.03 -1.16
N PHE A 267 -20.46 -3.47 -1.05
CA PHE A 267 -21.34 -3.26 -2.18
C PHE A 267 -21.31 -1.79 -2.55
N PRO A 268 -21.25 -1.45 -3.87
CA PRO A 268 -20.93 -2.23 -5.07
C PRO A 268 -19.50 -1.96 -5.51
N GLU A 269 -18.57 -2.77 -5.05
CA GLU A 269 -17.16 -2.41 -5.11
C GLU A 269 -16.33 -3.55 -5.73
N SER A 270 -15.05 -3.66 -5.34
CA SER A 270 -14.12 -4.66 -5.91
C SER A 270 -12.83 -4.68 -5.11
N TRP A 271 -11.90 -5.57 -5.47
CA TRP A 271 -10.57 -5.57 -4.86
C TRP A 271 -9.96 -4.18 -4.90
N TYR A 272 -10.26 -3.44 -5.97
CA TYR A 272 -9.69 -2.11 -6.20
C TYR A 272 -10.08 -1.05 -5.18
N SER A 273 -11.14 -1.30 -4.41
CA SER A 273 -11.51 -0.40 -3.29
C SER A 273 -10.44 -0.37 -2.21
N TRP A 274 -9.60 -1.40 -2.15
CA TRP A 274 -8.48 -1.43 -1.19
C TRP A 274 -7.17 -0.93 -1.83
N ARG A 275 -7.26 -0.19 -2.95
CA ARG A 275 -6.04 0.24 -3.64
C ARG A 275 -5.04 0.99 -2.75
N TYR A 276 -5.53 1.77 -1.79
CA TYR A 276 -4.69 2.57 -0.89
C TYR A 276 -4.05 1.78 0.25
N GLN A 277 -4.64 0.64 0.63
CA GLN A 277 -4.12 -0.12 1.77
C GLN A 277 -3.35 -1.37 1.37
N ILE A 278 -3.48 -1.82 0.12
CA ILE A 278 -2.71 -2.98 -0.34
C ILE A 278 -1.22 -2.69 -0.19
N PRO A 279 -0.70 -1.62 -0.82
CA PRO A 279 0.75 -1.35 -0.68
C PRO A 279 1.20 -1.03 0.75
N ALA A 280 0.47 -0.13 1.40
CA ALA A 280 0.71 0.15 2.82
C ALA A 280 0.91 -1.11 3.65
N LEU A 281 -0.08 -2.00 3.61
CA LEU A 281 -0.07 -3.20 4.46
C LEU A 281 1.04 -4.17 4.08
N ALA A 282 1.25 -4.35 2.78
CA ALA A 282 2.43 -5.08 2.30
C ALA A 282 3.62 -4.49 3.03
N GLN A 283 3.81 -3.18 2.90
CA GLN A 283 4.95 -2.48 3.48
C GLN A 283 5.07 -2.70 4.99
N ALA A 284 3.94 -2.82 5.68
CA ALA A 284 3.92 -3.04 7.14
C ALA A 284 4.33 -4.46 7.58
N GLY A 285 4.54 -5.37 6.62
CA GLY A 285 5.00 -6.73 6.90
C GLY A 285 3.92 -7.79 6.74
N TYR A 286 3.03 -7.60 5.78
CA TYR A 286 1.89 -8.47 5.63
C TYR A 286 1.72 -8.92 4.20
N ARG A 287 1.10 -10.09 4.02
CA ARG A 287 0.80 -10.62 2.70
C ARG A 287 -0.66 -10.33 2.44
N VAL A 288 -0.94 -9.31 1.64
CA VAL A 288 -2.31 -8.89 1.36
C VAL A 288 -2.94 -9.74 0.26
N LEU A 289 -4.07 -10.37 0.56
CA LEU A 289 -4.89 -11.01 -0.46
C LEU A 289 -6.18 -10.20 -0.61
N ALA A 290 -6.18 -9.23 -1.53
CA ALA A 290 -7.35 -8.37 -1.74
C ALA A 290 -8.34 -9.04 -2.70
N MET A 291 -9.55 -9.34 -2.20
CA MET A 291 -10.50 -10.20 -2.92
C MET A 291 -11.38 -9.48 -3.92
N ASP A 292 -11.75 -10.17 -5.01
CA ASP A 292 -13.00 -9.87 -5.73
C ASP A 292 -14.02 -10.84 -5.16
N MET A 293 -14.86 -10.35 -4.26
CA MET A 293 -15.89 -11.17 -3.66
C MET A 293 -16.81 -11.77 -4.73
N LYS A 294 -17.30 -12.97 -4.45
CA LYS A 294 -18.25 -13.65 -5.34
C LYS A 294 -19.34 -12.69 -5.80
N GLY A 295 -19.57 -12.69 -7.11
CA GLY A 295 -20.53 -11.77 -7.74
C GLY A 295 -19.87 -10.55 -8.37
N TYR A 296 -18.59 -10.30 -8.05
CA TYR A 296 -17.90 -9.10 -8.50
C TYR A 296 -16.64 -9.40 -9.31
N GLY A 297 -16.30 -8.48 -10.21
CA GLY A 297 -15.04 -8.51 -10.96
C GLY A 297 -14.77 -9.80 -11.70
N GLU A 298 -13.55 -10.29 -11.56
CA GLU A 298 -13.13 -11.53 -12.23
C GLU A 298 -13.48 -12.78 -11.42
N SER A 299 -14.10 -12.61 -10.25
CA SER A 299 -14.73 -13.73 -9.55
C SER A 299 -16.02 -14.10 -10.26
N SER A 300 -16.45 -15.34 -10.07
CA SER A 300 -17.66 -15.83 -10.69
C SER A 300 -18.88 -15.09 -10.12
N ALA A 301 -19.91 -15.00 -10.94
CA ALA A 301 -21.18 -14.38 -10.56
C ALA A 301 -22.35 -15.24 -11.03
N PRO A 302 -22.53 -16.42 -10.40
CA PRO A 302 -23.62 -17.32 -10.77
C PRO A 302 -24.97 -16.73 -10.38
N PRO A 303 -25.97 -16.87 -11.25
CA PRO A 303 -27.26 -16.18 -11.16
C PRO A 303 -28.05 -16.45 -9.89
N GLU A 304 -28.05 -17.68 -9.41
CA GLU A 304 -28.88 -18.08 -8.28
C GLU A 304 -28.69 -17.19 -7.05
N ILE A 305 -29.81 -16.75 -6.43
CA ILE A 305 -29.78 -15.96 -5.19
C ILE A 305 -29.11 -16.70 -4.04
N GLU A 306 -29.46 -17.96 -3.89
CA GLU A 306 -28.98 -18.81 -2.79
C GLU A 306 -27.45 -18.86 -2.70
N GLU A 307 -26.80 -18.76 -3.86
CA GLU A 307 -25.34 -18.74 -3.95
C GLU A 307 -24.69 -17.58 -3.19
N TYR A 308 -25.47 -16.58 -2.78
CA TYR A 308 -24.94 -15.40 -2.06
C TYR A 308 -25.44 -15.25 -0.62
N CYS A 309 -25.90 -16.34 -0.01
CA CYS A 309 -26.22 -16.31 1.42
C CYS A 309 -24.91 -16.47 2.17
N MET A 310 -24.86 -15.95 3.39
CA MET A 310 -23.61 -15.84 4.14
C MET A 310 -22.93 -17.19 4.34
N GLU A 311 -23.71 -18.19 4.70
CA GLU A 311 -23.19 -19.53 4.94
C GLU A 311 -22.38 -20.04 3.74
N VAL A 312 -22.98 -20.12 2.56
CA VAL A 312 -22.22 -20.62 1.39
C VAL A 312 -21.07 -19.68 1.09
N LEU A 313 -21.31 -18.37 1.14
CA LEU A 313 -20.22 -17.43 0.96
C LEU A 313 -19.04 -17.73 1.89
N CYS A 314 -19.32 -17.90 3.19
CA CYS A 314 -18.26 -18.17 4.18
C CYS A 314 -17.53 -19.49 3.91
N LYS A 315 -18.28 -20.57 3.67
CA LYS A 315 -17.68 -21.86 3.36
C LYS A 315 -16.70 -21.75 2.19
N GLU A 316 -17.07 -20.97 1.18
CA GLU A 316 -16.22 -20.78 0.02
C GLU A 316 -14.92 -20.08 0.39
N MET A 317 -14.98 -19.11 1.28
CA MET A 317 -13.78 -18.44 1.77
C MET A 317 -12.86 -19.41 2.53
N VAL A 318 -13.47 -20.33 3.28
CA VAL A 318 -12.73 -21.42 3.89
C VAL A 318 -12.04 -22.26 2.82
N THR A 319 -12.79 -22.68 1.80
CA THR A 319 -12.20 -23.47 0.71
C THR A 319 -11.09 -22.69 0.02
N PHE A 320 -11.27 -21.37 -0.09
CA PHE A 320 -10.25 -20.50 -0.65
C PHE A 320 -8.95 -20.63 0.16
N LEU A 321 -9.05 -20.57 1.48
CA LEU A 321 -7.89 -20.78 2.33
C LEU A 321 -7.31 -22.18 2.14
N ASP A 322 -8.18 -23.17 2.16
CA ASP A 322 -7.80 -24.57 2.01
C ASP A 322 -6.90 -24.80 0.80
N LYS A 323 -7.37 -24.32 -0.35
CA LYS A 323 -6.70 -24.56 -1.61
C LYS A 323 -5.43 -23.72 -1.77
N LEU A 324 -5.40 -22.53 -1.14
CA LEU A 324 -4.19 -21.70 -1.07
C LEU A 324 -3.17 -22.19 -0.06
N GLY A 325 -3.57 -23.15 0.76
CA GLY A 325 -2.67 -23.75 1.76
C GLY A 325 -2.50 -22.94 3.02
N LEU A 326 -3.52 -22.16 3.38
CA LEU A 326 -3.49 -21.27 4.53
C LEU A 326 -4.30 -21.82 5.68
N SER A 327 -3.67 -22.03 6.84
CA SER A 327 -4.40 -22.48 8.03
C SER A 327 -5.18 -21.33 8.66
N GLN A 328 -4.67 -20.10 8.53
CA GLN A 328 -5.39 -18.89 8.93
C GLN A 328 -5.11 -17.72 8.00
N ALA A 329 -5.96 -16.71 8.11
CA ALA A 329 -5.69 -15.39 7.59
C ALA A 329 -6.43 -14.44 8.50
N VAL A 330 -5.96 -13.20 8.56
CA VAL A 330 -6.69 -12.19 9.29
C VAL A 330 -7.62 -11.55 8.27
N PHE A 331 -8.92 -11.67 8.52
CA PHE A 331 -9.95 -11.16 7.64
C PHE A 331 -10.35 -9.73 8.05
N ILE A 332 -10.28 -8.81 7.09
CA ILE A 332 -10.65 -7.42 7.27
C ILE A 332 -11.73 -7.12 6.24
N GLY A 333 -12.84 -6.53 6.68
CA GLY A 333 -14.00 -6.36 5.84
C GLY A 333 -14.58 -4.97 5.88
N HIS A 334 -15.38 -4.65 4.87
CA HIS A 334 -16.08 -3.37 4.80
C HIS A 334 -17.46 -3.56 4.20
N ASP A 335 -18.45 -2.87 4.76
CA ASP A 335 -19.83 -2.93 4.27
C ASP A 335 -20.29 -4.39 4.32
N TRP A 336 -20.50 -5.04 3.18
CA TRP A 336 -20.97 -6.43 3.20
C TRP A 336 -19.83 -7.36 3.59
N GLY A 337 -18.61 -7.00 3.18
CA GLY A 337 -17.43 -7.75 3.57
C GLY A 337 -17.30 -7.81 5.08
N GLY A 338 -17.66 -6.71 5.73
CA GLY A 338 -17.66 -6.62 7.18
C GLY A 338 -18.56 -7.67 7.79
N MET A 339 -19.83 -7.68 7.40
CA MET A 339 -20.79 -8.65 7.89
C MET A 339 -20.21 -10.05 7.79
N LEU A 340 -19.74 -10.39 6.59
CA LEU A 340 -19.23 -11.73 6.31
C LEU A 340 -18.04 -12.07 7.20
N VAL A 341 -17.13 -11.12 7.31
CA VAL A 341 -15.96 -11.26 8.14
C VAL A 341 -16.37 -11.65 9.57
N TRP A 342 -17.30 -10.90 10.18
CA TRP A 342 -17.74 -11.22 11.54
C TRP A 342 -18.22 -12.67 11.62
N TYR A 343 -18.94 -13.13 10.60
CA TYR A 343 -19.46 -14.50 10.58
C TYR A 343 -18.40 -15.57 10.42
N MET A 344 -17.34 -15.27 9.68
CA MET A 344 -16.18 -16.15 9.62
C MET A 344 -15.64 -16.40 11.02
N ALA A 345 -15.53 -15.33 11.81
CA ALA A 345 -15.06 -15.44 13.18
C ALA A 345 -15.97 -16.32 14.02
N LEU A 346 -17.29 -16.17 13.89
CA LEU A 346 -18.24 -16.91 14.71
C LEU A 346 -18.40 -18.37 14.29
N PHE A 347 -18.11 -18.68 13.03
CA PHE A 347 -18.35 -20.00 12.49
C PHE A 347 -17.09 -20.79 12.17
N TYR A 348 -15.99 -20.07 11.95
CA TYR A 348 -14.67 -20.64 11.63
C TYR A 348 -13.50 -19.88 12.31
N PRO A 349 -13.51 -19.78 13.66
CA PRO A 349 -12.46 -19.00 14.31
C PRO A 349 -11.08 -19.67 14.30
N GLU A 350 -11.03 -20.96 14.03
CA GLU A 350 -9.75 -21.65 13.88
C GLU A 350 -8.98 -21.18 12.63
N ARG A 351 -9.71 -20.59 11.68
CA ARG A 351 -9.13 -20.11 10.43
C ARG A 351 -8.90 -18.60 10.44
N VAL A 352 -9.47 -17.90 11.43
CA VAL A 352 -9.34 -16.46 11.50
C VAL A 352 -8.29 -16.07 12.55
N ARG A 353 -7.13 -15.60 12.09
CA ARG A 353 -6.07 -15.14 12.98
C ARG A 353 -6.54 -13.94 13.78
N ALA A 354 -7.22 -13.03 13.11
CA ALA A 354 -7.90 -11.92 13.76
C ALA A 354 -8.96 -11.37 12.82
N VAL A 355 -9.81 -10.52 13.34
CA VAL A 355 -10.94 -10.04 12.59
C VAL A 355 -11.01 -8.51 12.69
N ALA A 356 -11.42 -7.86 11.62
CA ALA A 356 -11.60 -6.41 11.62
C ALA A 356 -12.66 -5.96 10.62
N SER A 357 -13.45 -4.97 11.01
CA SER A 357 -14.51 -4.42 10.15
C SER A 357 -14.49 -2.89 10.12
N LEU A 358 -14.57 -2.33 8.92
CA LEU A 358 -14.78 -0.91 8.73
C LEU A 358 -16.27 -0.71 8.61
N ASN A 359 -16.83 0.21 9.41
CA ASN A 359 -18.23 0.65 9.34
C ASN A 359 -19.28 -0.36 9.81
N THR A 360 -19.18 -1.59 9.33
CA THR A 360 -20.21 -2.59 9.61
C THR A 360 -20.12 -3.14 11.04
N PRO A 361 -21.13 -2.85 11.87
CA PRO A 361 -21.18 -3.39 13.21
C PRO A 361 -21.61 -4.85 13.22
N PHE A 362 -21.22 -5.58 14.25
CA PHE A 362 -21.80 -6.89 14.46
C PHE A 362 -23.08 -6.72 15.24
N ILE A 363 -24.20 -7.04 14.61
CA ILE A 363 -25.46 -7.10 15.33
C ILE A 363 -25.94 -8.54 15.25
N PRO A 364 -26.27 -9.14 16.40
CA PRO A 364 -26.78 -10.49 16.41
C PRO A 364 -28.21 -10.58 15.89
N ALA A 365 -28.61 -11.74 15.40
CA ALA A 365 -29.95 -11.93 14.91
C ALA A 365 -30.95 -11.79 16.05
N ASN A 366 -32.14 -11.27 15.74
CA ASN A 366 -33.22 -11.23 16.69
C ASN A 366 -34.06 -12.48 16.52
N PRO A 367 -33.95 -13.43 17.45
CA PRO A 367 -34.53 -14.75 17.21
C PRO A 367 -36.06 -14.77 17.08
N ASN A 368 -36.73 -13.75 17.60
CA ASN A 368 -38.19 -13.66 17.50
C ASN A 368 -38.63 -13.01 16.20
N MET A 369 -38.10 -11.82 15.95
CA MET A 369 -38.48 -11.03 14.78
C MET A 369 -37.68 -11.37 13.52
N SER A 370 -38.37 -11.52 12.40
CA SER A 370 -37.73 -11.69 11.09
C SER A 370 -37.17 -10.35 10.61
N PRO A 371 -35.98 -10.37 9.99
CA PRO A 371 -35.29 -9.14 9.64
C PRO A 371 -35.97 -8.27 8.56
N LEU A 372 -36.70 -8.89 7.64
CA LEU A 372 -37.43 -8.12 6.62
C LEU A 372 -38.44 -7.16 7.25
N GLU A 373 -38.93 -7.49 8.45
CA GLU A 373 -39.77 -6.59 9.24
C GLU A 373 -38.98 -5.45 9.88
N SER A 374 -37.81 -5.77 10.42
CA SER A 374 -36.96 -4.79 11.10
C SER A 374 -36.49 -3.67 10.15
N ILE A 375 -36.17 -4.07 8.92
CA ILE A 375 -35.65 -3.15 7.89
C ILE A 375 -36.70 -2.15 7.38
N LYS A 376 -37.98 -2.49 7.48
CA LYS A 376 -39.06 -1.54 7.20
C LYS A 376 -39.25 -0.53 8.33
N ALA A 377 -38.91 -0.94 9.56
CA ALA A 377 -38.99 -0.07 10.73
C ALA A 377 -38.07 1.16 10.60
N ASN A 378 -36.84 0.94 10.13
CA ASN A 378 -35.84 2.02 10.00
C ASN A 378 -35.71 2.54 8.56
N PRO A 379 -36.20 3.78 8.29
CA PRO A 379 -36.27 4.28 6.91
C PRO A 379 -34.93 4.41 6.15
N VAL A 380 -33.80 4.42 6.85
CA VAL A 380 -32.48 4.53 6.20
C VAL A 380 -32.13 3.26 5.42
N PHE A 381 -32.72 2.14 5.83
CA PHE A 381 -32.59 0.87 5.11
C PHE A 381 -33.70 0.69 4.05
N ASP A 382 -34.41 1.76 3.68
CA ASP A 382 -35.50 1.64 2.70
C ASP A 382 -34.98 1.22 1.31
N TYR A 383 -33.72 1.52 1.04
CA TYR A 383 -33.09 1.12 -0.22
C TYR A 383 -32.93 -0.41 -0.37
N GLN A 384 -33.07 -1.14 0.74
CA GLN A 384 -32.85 -2.58 0.74
C GLN A 384 -34.10 -3.37 0.37
N LEU A 385 -35.26 -2.78 0.58
CA LEU A 385 -36.51 -3.32 0.07
C LEU A 385 -36.52 -3.21 -1.46
N TYR A 386 -36.09 -2.05 -1.94
CA TYR A 386 -35.95 -1.83 -3.36
C TYR A 386 -35.07 -2.91 -4.01
N PHE A 387 -34.04 -3.36 -3.30
CA PHE A 387 -33.10 -4.35 -3.82
C PHE A 387 -33.63 -5.79 -3.78
N GLN A 388 -34.88 -5.99 -3.37
CA GLN A 388 -35.41 -7.34 -3.17
C GLN A 388 -35.88 -8.02 -4.44
N GLU A 389 -36.73 -7.33 -5.20
CA GLU A 389 -37.33 -7.91 -6.41
C GLU A 389 -36.27 -8.08 -7.49
N PRO A 390 -35.95 -9.32 -7.85
CA PRO A 390 -34.90 -9.49 -8.87
C PRO A 390 -35.19 -8.69 -10.13
N GLY A 391 -34.13 -8.11 -10.71
CA GLY A 391 -34.21 -7.43 -12.01
C GLY A 391 -34.39 -5.91 -11.99
N VAL A 392 -35.18 -5.42 -11.04
CA VAL A 392 -35.51 -3.99 -10.98
C VAL A 392 -34.25 -3.18 -10.66
N ALA A 393 -33.70 -3.36 -9.47
CA ALA A 393 -32.47 -2.68 -9.10
C ALA A 393 -31.32 -2.83 -10.13
N GLU A 394 -31.26 -3.97 -10.83
CA GLU A 394 -30.25 -4.19 -11.87
C GLU A 394 -30.41 -3.22 -13.04
N ALA A 395 -31.64 -3.13 -13.55
CA ALA A 395 -31.94 -2.31 -14.73
C ALA A 395 -31.47 -0.88 -14.56
N GLU A 396 -31.59 -0.35 -13.35
CA GLU A 396 -31.27 1.05 -13.07
C GLU A 396 -29.77 1.21 -12.90
N LEU A 397 -29.19 0.37 -12.07
CA LEU A 397 -27.78 0.45 -11.78
C LEU A 397 -26.92 0.16 -13.02
N GLU A 398 -27.42 -0.68 -13.93
CA GLU A 398 -26.75 -0.97 -15.20
C GLU A 398 -27.07 0.02 -16.31
N GLN A 399 -28.25 0.64 -16.25
CA GLN A 399 -28.67 1.63 -17.25
C GLN A 399 -27.49 2.51 -17.68
N ASN A 400 -26.78 3.04 -16.70
CA ASN A 400 -25.59 3.86 -16.93
C ASN A 400 -24.57 3.59 -15.82
N LEU A 401 -23.57 2.77 -16.14
CA LEU A 401 -22.60 2.32 -15.13
C LEU A 401 -21.78 3.49 -14.59
N SER A 402 -21.29 4.34 -15.49
CA SER A 402 -20.57 5.55 -15.11
C SER A 402 -21.37 6.43 -14.12
N ARG A 403 -22.58 6.84 -14.53
CA ARG A 403 -23.48 7.60 -13.66
C ARG A 403 -23.63 6.94 -12.30
N THR A 404 -23.81 5.63 -12.31
CA THR A 404 -24.02 4.87 -11.08
C THR A 404 -22.89 5.01 -10.05
N PHE A 405 -21.64 4.81 -10.46
CA PHE A 405 -20.52 4.88 -9.49
C PHE A 405 -20.19 6.30 -9.12
N LYS A 406 -20.16 7.18 -10.12
CA LYS A 406 -20.01 8.60 -9.84
C LYS A 406 -21.02 9.06 -8.78
N SER A 407 -22.25 8.61 -8.91
CA SER A 407 -23.31 8.92 -7.96
C SER A 407 -23.08 8.31 -6.57
N LEU A 408 -22.53 7.09 -6.52
CA LEU A 408 -22.40 6.41 -5.24
C LEU A 408 -21.17 6.87 -4.49
N PHE A 409 -20.02 6.78 -5.16
CA PHE A 409 -18.73 7.06 -4.54
C PHE A 409 -18.54 8.56 -4.30
N ARG A 410 -19.15 9.04 -3.22
CA ARG A 410 -19.01 10.43 -2.79
C ARG A 410 -18.77 10.54 -1.29
N ALA A 411 -18.05 11.59 -0.89
CA ALA A 411 -17.84 11.91 0.51
C ALA A 411 -19.15 12.41 1.12
N SER A 412 -19.20 12.42 2.44
CA SER A 412 -20.41 12.73 3.18
C SER A 412 -20.95 14.14 2.93
N ASP A 413 -20.04 15.09 2.64
CA ASP A 413 -20.42 16.46 2.31
C ASP A 413 -20.53 16.70 0.79
N GLU A 414 -20.77 15.63 0.05
CA GLU A 414 -20.99 15.69 -1.40
C GLU A 414 -22.19 14.85 -1.80
N SER A 415 -23.09 14.61 -0.85
CA SER A 415 -24.26 13.76 -1.09
C SER A 415 -25.08 14.24 -2.30
N VAL A 416 -25.49 13.32 -3.18
CA VAL A 416 -26.38 13.68 -4.32
C VAL A 416 -27.61 12.76 -4.46
N LEU A 417 -28.01 12.11 -3.36
CA LEU A 417 -29.20 11.26 -3.32
C LEU A 417 -30.12 11.67 -2.17
N SER A 418 -31.41 11.38 -2.31
CA SER A 418 -32.32 11.37 -1.17
C SER A 418 -32.36 9.93 -0.64
N MET A 419 -32.10 9.75 0.65
CA MET A 419 -31.84 8.41 1.22
C MET A 419 -33.10 7.56 1.40
N HIS A 420 -34.18 8.16 1.92
CA HIS A 420 -35.42 7.43 2.19
C HIS A 420 -36.56 7.72 1.20
N LYS A 421 -37.59 6.88 1.25
CA LYS A 421 -38.69 6.86 0.30
C LYS A 421 -38.20 6.40 -1.09
N VAL A 422 -37.39 5.34 -1.10
CA VAL A 422 -36.81 4.79 -2.34
C VAL A 422 -37.81 3.91 -3.11
N CYS A 423 -38.61 3.14 -2.38
CA CYS A 423 -39.76 2.44 -2.98
C CYS A 423 -40.82 3.47 -3.39
N GLU A 424 -41.05 4.45 -2.51
CA GLU A 424 -41.97 5.58 -2.76
C GLU A 424 -41.79 6.16 -4.18
N ALA A 425 -40.56 6.58 -4.46
CA ALA A 425 -40.19 7.20 -5.73
C ALA A 425 -39.79 6.17 -6.79
N GLY A 426 -39.48 4.94 -6.34
CA GLY A 426 -39.17 3.84 -7.25
C GLY A 426 -37.86 4.02 -7.99
N GLY A 427 -36.76 4.00 -7.24
CA GLY A 427 -35.42 4.15 -7.82
C GLY A 427 -34.43 4.85 -6.90
N LEU A 428 -33.18 4.40 -6.93
CA LEU A 428 -32.13 5.00 -6.13
C LEU A 428 -31.75 6.38 -6.67
N PHE A 429 -31.89 6.57 -7.98
CA PHE A 429 -31.42 7.76 -8.66
C PHE A 429 -32.55 8.72 -9.06
N VAL A 430 -33.79 8.37 -8.73
CA VAL A 430 -34.98 9.07 -9.24
C VAL A 430 -34.75 10.56 -9.49
N ASN A 431 -34.47 11.31 -8.43
CA ASN A 431 -34.16 12.73 -8.55
C ASN A 431 -32.68 12.96 -8.22
N SER A 432 -31.83 12.33 -9.02
CA SER A 432 -30.39 12.52 -8.99
C SER A 432 -29.87 12.88 -10.40
N PRO A 433 -28.68 13.50 -10.49
CA PRO A 433 -28.19 13.99 -11.79
C PRO A 433 -27.72 12.89 -12.75
N GLU A 434 -27.91 13.13 -14.04
CA GLU A 434 -27.50 12.20 -15.08
C GLU A 434 -25.98 12.19 -15.20
N GLU A 435 -25.40 13.39 -15.26
CA GLU A 435 -23.96 13.55 -15.26
C GLU A 435 -23.57 14.20 -13.94
N PRO A 436 -23.33 13.40 -12.89
CA PRO A 436 -22.92 14.05 -11.65
C PRO A 436 -21.51 14.61 -11.78
N SER A 437 -21.18 15.59 -10.95
CA SER A 437 -19.81 16.11 -10.88
C SER A 437 -18.91 14.99 -10.37
N LEU A 438 -17.62 15.10 -10.66
CA LEU A 438 -16.67 14.08 -10.25
C LEU A 438 -16.26 14.35 -8.80
N SER A 439 -16.47 13.37 -7.92
CA SER A 439 -16.18 13.53 -6.49
C SER A 439 -14.70 13.74 -6.23
N ARG A 440 -14.37 14.48 -5.19
CA ARG A 440 -12.97 14.72 -4.83
C ARG A 440 -12.24 13.44 -4.42
N MET A 441 -13.00 12.41 -4.06
CA MET A 441 -12.45 11.12 -3.65
C MET A 441 -11.88 10.26 -4.78
N VAL A 442 -12.38 10.46 -6.00
CA VAL A 442 -12.05 9.56 -7.12
C VAL A 442 -11.80 10.31 -8.43
N THR A 443 -10.70 9.98 -9.11
CA THR A 443 -10.41 10.55 -10.43
C THR A 443 -11.32 9.90 -11.45
N GLU A 444 -11.34 10.48 -12.65
CA GLU A 444 -12.11 9.94 -13.75
C GLU A 444 -11.71 8.49 -14.00
N GLU A 445 -10.40 8.26 -13.95
CA GLU A 445 -9.80 6.99 -14.33
C GLU A 445 -10.20 5.88 -13.36
N GLU A 446 -10.25 6.20 -12.07
CA GLU A 446 -10.58 5.23 -11.04
C GLU A 446 -12.02 4.73 -11.19
N ILE A 447 -12.93 5.65 -11.47
CA ILE A 447 -14.33 5.31 -11.79
C ILE A 447 -14.44 4.32 -12.95
N GLN A 448 -13.74 4.62 -14.05
CA GLN A 448 -13.83 3.80 -15.27
C GLN A 448 -13.31 2.40 -15.03
N PHE A 449 -12.41 2.23 -14.05
CA PHE A 449 -12.00 0.88 -13.65
C PHE A 449 -13.20 0.12 -13.11
N TYR A 450 -13.91 0.74 -12.18
CA TYR A 450 -15.14 0.13 -11.67
C TYR A 450 -16.10 -0.14 -12.83
N VAL A 451 -16.31 0.87 -13.67
CA VAL A 451 -17.14 0.66 -14.85
C VAL A 451 -16.71 -0.61 -15.60
N GLN A 452 -15.40 -0.74 -15.86
CA GLN A 452 -14.86 -1.87 -16.64
C GLN A 452 -15.28 -3.19 -16.02
N GLN A 453 -15.18 -3.24 -14.70
CA GLN A 453 -15.36 -4.46 -13.94
C GLN A 453 -16.80 -4.92 -13.99
N PHE A 454 -17.73 -3.99 -13.82
CA PHE A 454 -19.14 -4.33 -13.76
C PHE A 454 -19.76 -4.62 -15.13
N LYS A 455 -18.99 -4.39 -16.20
CA LYS A 455 -19.44 -4.75 -17.54
C LYS A 455 -19.46 -6.27 -17.76
N LYS A 456 -18.76 -7.02 -16.93
CA LYS A 456 -18.75 -8.48 -17.06
C LYS A 456 -20.09 -9.04 -16.57
N SER A 457 -20.35 -8.95 -15.28
CA SER A 457 -21.48 -9.65 -14.67
C SER A 457 -22.56 -8.74 -14.05
N GLY A 458 -22.41 -7.43 -14.20
CA GLY A 458 -23.44 -6.51 -13.71
C GLY A 458 -23.75 -6.66 -12.24
N PHE A 459 -25.03 -6.45 -11.91
CA PHE A 459 -25.45 -6.25 -10.53
C PHE A 459 -26.29 -7.36 -9.95
N ARG A 460 -26.64 -8.36 -10.76
CA ARG A 460 -27.37 -9.53 -10.25
C ARG A 460 -26.59 -10.22 -9.14
N GLY A 461 -25.33 -10.54 -9.40
CA GLY A 461 -24.47 -11.13 -8.38
C GLY A 461 -24.40 -10.31 -7.11
N PRO A 462 -23.96 -9.04 -7.22
CA PRO A 462 -23.86 -8.13 -6.08
C PRO A 462 -25.15 -7.95 -5.29
N LEU A 463 -26.26 -7.67 -5.98
CA LEU A 463 -27.53 -7.44 -5.30
C LEU A 463 -28.02 -8.67 -4.54
N ASN A 464 -27.74 -9.87 -5.05
CA ASN A 464 -28.18 -11.09 -4.40
C ASN A 464 -27.72 -11.22 -2.95
N TRP A 465 -26.65 -10.52 -2.57
CA TRP A 465 -26.18 -10.48 -1.18
C TRP A 465 -27.24 -9.95 -0.21
N TYR A 466 -28.10 -9.06 -0.72
CA TYR A 466 -29.20 -8.52 0.06
C TYR A 466 -30.45 -9.40 0.00
N ARG A 467 -30.40 -10.49 -0.76
CA ARG A 467 -31.61 -11.28 -1.03
C ARG A 467 -31.65 -12.62 -0.28
N ASN A 468 -30.88 -12.71 0.80
CA ASN A 468 -30.93 -13.88 1.69
C ASN A 468 -31.08 -13.45 3.14
N MET A 469 -31.98 -12.49 3.39
CA MET A 469 -32.19 -12.00 4.74
C MET A 469 -32.71 -13.14 5.60
N GLU A 470 -33.85 -13.71 5.24
CA GLU A 470 -34.43 -14.84 5.99
C GLU A 470 -33.46 -16.00 6.20
N ARG A 471 -32.72 -16.37 5.15
CA ARG A 471 -31.82 -17.52 5.22
C ARG A 471 -30.62 -17.25 6.13
N ASN A 472 -30.08 -16.04 6.07
CA ASN A 472 -28.99 -15.63 6.94
C ASN A 472 -29.44 -15.43 8.36
N TRP A 473 -30.67 -14.97 8.55
CA TRP A 473 -31.26 -14.87 9.88
C TRP A 473 -31.23 -16.23 10.58
N LYS A 474 -31.88 -17.22 9.97
CA LYS A 474 -31.87 -18.61 10.46
C LYS A 474 -30.48 -19.13 10.79
N TRP A 475 -29.51 -18.83 9.93
CA TRP A 475 -28.14 -19.29 10.12
C TRP A 475 -27.48 -18.66 11.35
N ALA A 476 -27.45 -17.34 11.36
CA ALA A 476 -26.87 -16.56 12.45
C ALA A 476 -27.43 -16.92 13.82
N CYS A 477 -28.70 -17.34 13.86
CA CYS A 477 -29.34 -17.73 15.11
C CYS A 477 -28.65 -18.91 15.81
N LYS A 478 -27.89 -19.69 15.04
CA LYS A 478 -27.14 -20.81 15.59
C LYS A 478 -25.98 -20.30 16.44
N SER A 479 -25.49 -19.12 16.12
CA SER A 479 -24.38 -18.52 16.83
C SER A 479 -24.79 -17.75 18.06
N LEU A 480 -26.09 -17.61 18.33
CA LEU A 480 -26.54 -16.75 19.43
C LEU A 480 -26.02 -17.18 20.77
N GLY A 481 -25.57 -18.42 20.89
CA GLY A 481 -24.91 -18.87 22.13
C GLY A 481 -23.46 -18.46 22.26
N ARG A 482 -22.83 -18.09 21.14
CA ARG A 482 -21.39 -17.93 21.05
C ARG A 482 -20.94 -16.52 21.42
N LYS A 483 -19.63 -16.36 21.56
CA LYS A 483 -19.03 -15.04 21.64
C LYS A 483 -17.77 -15.02 20.78
N ILE A 484 -17.22 -13.81 20.59
CA ILE A 484 -15.98 -13.63 19.84
C ILE A 484 -14.84 -13.28 20.79
N LEU A 485 -13.88 -14.20 20.88
CA LEU A 485 -12.79 -14.13 21.85
C LEU A 485 -11.44 -14.17 21.15
N ILE A 486 -11.45 -13.96 19.84
CA ILE A 486 -10.24 -13.78 19.07
C ILE A 486 -10.04 -12.28 18.85
N PRO A 487 -8.83 -11.85 18.49
CA PRO A 487 -8.62 -10.41 18.34
C PRO A 487 -9.54 -9.81 17.29
N ALA A 488 -10.17 -8.69 17.64
CA ALA A 488 -11.23 -8.08 16.84
C ALA A 488 -11.16 -6.56 16.92
N LEU A 489 -11.37 -5.92 15.79
CA LEU A 489 -11.33 -4.46 15.72
C LEU A 489 -12.63 -3.95 15.06
N MET A 490 -13.07 -2.78 15.50
CA MET A 490 -14.22 -2.13 14.90
C MET A 490 -13.88 -0.68 14.60
N VAL A 491 -13.84 -0.35 13.31
CA VAL A 491 -13.57 1.01 12.88
C VAL A 491 -14.87 1.66 12.47
N THR A 492 -15.25 2.73 13.17
CA THR A 492 -16.47 3.47 12.88
C THR A 492 -16.19 4.74 12.09
N ALA A 493 -17.13 5.09 11.20
CA ALA A 493 -17.00 6.30 10.38
C ALA A 493 -18.05 7.33 10.79
N GLU A 494 -17.60 8.47 11.32
CA GLU A 494 -18.49 9.50 11.87
C GLU A 494 -19.68 9.76 10.96
N LYS A 495 -19.41 10.01 9.68
CA LYS A 495 -20.43 10.46 8.74
C LYS A 495 -20.87 9.41 7.73
N ASP A 496 -20.82 8.15 8.16
CA ASP A 496 -21.54 7.11 7.45
C ASP A 496 -22.96 7.16 8.01
N PHE A 497 -23.89 7.65 7.19
CA PHE A 497 -25.26 7.90 7.66
C PHE A 497 -26.16 6.67 7.57
N VAL A 498 -25.67 5.62 6.91
CA VAL A 498 -26.43 4.37 6.76
C VAL A 498 -25.87 3.29 7.71
N LEU A 499 -24.54 3.25 7.85
CA LEU A 499 -23.89 2.45 8.88
C LEU A 499 -23.41 3.38 9.97
N VAL A 500 -24.38 3.95 10.69
CA VAL A 500 -24.11 4.90 11.76
C VAL A 500 -23.26 4.23 12.88
N PRO A 501 -22.33 4.99 13.50
CA PRO A 501 -21.50 4.45 14.59
C PRO A 501 -22.27 3.92 15.82
N GLN A 502 -23.40 4.54 16.16
CA GLN A 502 -24.23 4.10 17.29
C GLN A 502 -24.64 2.63 17.18
N MET A 503 -24.81 2.14 15.95
CA MET A 503 -25.13 0.73 15.73
C MET A 503 -24.10 -0.22 16.37
N SER A 504 -22.84 0.22 16.47
CA SER A 504 -21.79 -0.60 17.06
C SER A 504 -21.71 -0.53 18.60
N GLN A 505 -22.64 0.16 19.25
CA GLN A 505 -22.44 0.55 20.64
C GLN A 505 -22.52 -0.60 21.65
N HIS A 506 -23.17 -1.70 21.29
CA HIS A 506 -23.30 -2.81 22.21
C HIS A 506 -22.37 -3.99 21.86
N MET A 507 -21.51 -3.79 20.88
CA MET A 507 -20.70 -4.88 20.33
C MET A 507 -19.76 -5.56 21.32
N GLU A 508 -19.31 -4.85 22.36
CA GLU A 508 -18.44 -5.49 23.37
C GLU A 508 -19.17 -6.52 24.22
N ASP A 509 -20.50 -6.57 24.15
CA ASP A 509 -21.26 -7.63 24.81
C ASP A 509 -20.88 -9.01 24.29
N TRP A 510 -20.81 -9.17 22.96
CA TRP A 510 -20.47 -10.46 22.35
C TRP A 510 -18.98 -10.54 21.97
N ILE A 511 -18.28 -9.41 22.05
CA ILE A 511 -16.86 -9.32 21.71
C ILE A 511 -16.12 -8.50 22.78
N PRO A 512 -15.98 -9.06 24.00
CA PRO A 512 -15.50 -8.30 25.17
C PRO A 512 -14.15 -7.62 25.01
N HIS A 513 -13.26 -8.21 24.22
CA HIS A 513 -11.92 -7.66 24.00
C HIS A 513 -11.81 -6.85 22.71
N LEU A 514 -12.95 -6.45 22.17
CA LEU A 514 -13.01 -5.64 20.97
C LEU A 514 -12.21 -4.34 21.13
N LYS A 515 -11.35 -4.06 20.16
CA LYS A 515 -10.65 -2.81 20.07
C LYS A 515 -11.35 -1.94 19.05
N ARG A 516 -11.17 -0.63 19.15
CA ARG A 516 -11.96 0.27 18.32
C ARG A 516 -11.12 1.28 17.59
N GLY A 517 -11.76 1.91 16.62
CA GLY A 517 -11.19 2.99 15.85
C GLY A 517 -12.32 3.86 15.37
N HIS A 518 -12.02 5.12 15.14
CA HIS A 518 -13.02 6.09 14.74
C HIS A 518 -12.36 7.10 13.81
N ILE A 519 -13.13 7.56 12.82
CA ILE A 519 -12.64 8.51 11.85
C ILE A 519 -13.63 9.66 11.67
N GLU A 520 -13.13 10.87 11.87
CA GLU A 520 -13.95 12.07 11.71
C GLU A 520 -14.06 12.36 10.23
N ASP A 521 -15.12 13.04 9.82
CA ASP A 521 -15.37 13.41 8.42
C ASP A 521 -15.14 12.23 7.49
N CYS A 522 -15.75 11.09 7.80
CA CYS A 522 -15.57 9.89 6.99
C CYS A 522 -16.91 9.33 6.60
N GLY A 523 -17.12 9.19 5.29
CA GLY A 523 -18.38 8.72 4.76
C GLY A 523 -18.47 7.22 4.86
N HIS A 524 -19.26 6.65 3.97
CA HIS A 524 -19.42 5.21 3.93
C HIS A 524 -18.24 4.54 3.26
N TRP A 525 -17.66 5.21 2.25
CA TRP A 525 -16.60 4.63 1.43
C TRP A 525 -15.27 4.93 2.09
N THR A 526 -15.10 4.32 3.26
CA THR A 526 -14.03 4.61 4.18
C THR A 526 -12.65 4.65 3.53
N GLN A 527 -12.36 3.62 2.73
CA GLN A 527 -11.01 3.40 2.22
C GLN A 527 -10.51 4.53 1.32
N MET A 528 -11.35 5.06 0.45
CA MET A 528 -10.90 6.12 -0.46
C MET A 528 -11.15 7.52 0.11
N ASP A 529 -12.01 7.61 1.12
CA ASP A 529 -12.31 8.86 1.82
C ASP A 529 -11.15 9.25 2.73
N LYS A 530 -10.64 8.29 3.50
CA LYS A 530 -9.60 8.57 4.49
C LYS A 530 -8.52 7.47 4.49
N PRO A 531 -7.89 7.23 3.34
CA PRO A 531 -6.94 6.14 3.21
C PRO A 531 -5.76 6.24 4.17
N THR A 532 -5.26 7.44 4.43
CA THR A 532 -4.10 7.61 5.29
C THR A 532 -4.37 7.14 6.72
N GLU A 533 -5.50 7.55 7.28
CA GLU A 533 -5.80 7.25 8.67
C GLU A 533 -6.37 5.82 8.82
N VAL A 534 -6.93 5.27 7.75
CA VAL A 534 -7.34 3.85 7.77
C VAL A 534 -6.13 2.92 7.94
N ASN A 535 -5.07 3.19 7.19
CA ASN A 535 -3.87 2.36 7.19
C ASN A 535 -3.18 2.45 8.55
N GLN A 536 -3.03 3.69 9.03
CA GLN A 536 -2.54 3.99 10.37
C GLN A 536 -3.24 3.16 11.45
N ILE A 537 -4.57 3.15 11.43
CA ILE A 537 -5.36 2.38 12.38
C ILE A 537 -5.13 0.87 12.23
N LEU A 538 -5.29 0.37 11.01
CA LEU A 538 -5.20 -1.07 10.73
C LEU A 538 -3.80 -1.65 10.97
N ILE A 539 -2.76 -0.94 10.53
CA ILE A 539 -1.38 -1.41 10.73
C ILE A 539 -1.05 -1.52 12.22
N LYS A 540 -1.36 -0.47 12.97
CA LYS A 540 -1.19 -0.44 14.41
C LYS A 540 -1.84 -1.66 15.09
N TRP A 541 -3.10 -1.90 14.73
CA TRP A 541 -3.85 -3.02 15.28
C TRP A 541 -3.34 -4.37 14.80
N LEU A 542 -2.94 -4.46 13.53
CA LEU A 542 -2.28 -5.66 13.01
C LEU A 542 -1.01 -5.98 13.81
N ASP A 543 -0.12 -5.00 13.95
CA ASP A 543 1.16 -5.21 14.65
C ASP A 543 0.97 -5.52 16.14
N SER A 544 -0.03 -4.91 16.76
CA SER A 544 -0.29 -5.12 18.19
C SER A 544 -1.09 -6.39 18.50
N ASP A 545 -2.07 -6.70 17.65
CA ASP A 545 -3.01 -7.80 17.93
C ASP A 545 -2.93 -9.00 17.00
N ALA A 546 -2.44 -8.79 15.78
CA ALA A 546 -2.49 -9.83 14.79
C ALA A 546 -1.15 -10.56 14.63
N ARG A 547 -0.18 -10.26 15.50
CA ARG A 547 1.11 -10.96 15.43
C ARG A 547 1.86 -11.03 16.77
N ASN A 548 2.38 -9.89 17.24
CA ASN A 548 3.21 -9.82 18.48
C ASN A 548 3.26 -8.41 19.09
P PO4 B . 25.84 6.67 -3.48
O1 PO4 B . 25.89 8.07 -2.84
O2 PO4 B . 26.82 5.77 -2.78
O3 PO4 B . 26.14 6.74 -4.96
O4 PO4 B . 24.49 6.03 -3.35
MG MG C . 25.63 9.92 -2.28
FAE FVS D . -26.25 2.55 -2.75
CBM FVS D . -26.34 2.20 -1.51
FAF FVS D . -26.73 0.97 -1.46
FAG FVS D . -27.27 3.03 -0.89
CBO FVS D . -24.97 2.35 -0.84
FAH FVS D . -24.59 3.61 -0.94
FAI FVS D . -24.11 1.54 -1.46
CBA FVS D . -25.02 1.99 0.64
CAT FVS D . -24.40 0.61 0.76
CAY FVS D . -24.52 0.21 2.25
SBI FVS D . -24.66 -1.73 2.32
OAB FVS D . -26.06 -1.99 1.80
CAX FVS D . -24.76 -2.12 4.21
CAS FVS D . -24.41 -3.60 4.04
CAQ FVS D . -24.84 -4.49 5.20
CAO FVS D . -24.73 -3.79 6.54
CAM FVS D . -25.99 -2.91 6.69
CAN FVS D . -26.65 -3.16 8.04
CAP FVS D . -27.23 -4.54 7.90
CAR FVS D . -28.42 -4.59 8.86
CAU FVS D . -29.35 -5.62 8.25
CBH FVS D . -29.23 -6.88 9.11
CBN FVS D . -29.80 -6.89 10.60
CBK FVS D . -30.92 -5.90 11.05
CAZ FVS D . -30.75 -4.38 10.82
CAV FVS D . -31.69 -3.74 11.86
CBG FVS D . -32.10 -4.87 12.81
OAD FVS D . -32.12 -4.39 14.16
CBL FVS D . -31.03 -5.96 12.59
CAA FVS D . -29.73 -5.57 13.34
CBC FVS D . -31.52 -7.30 13.04
CBB FVS D . -30.63 -8.44 12.44
CBJ FVS D . -30.40 -8.30 10.92
CBF FVS D . -29.59 -9.30 10.33
CAK FVS D . -29.08 -10.42 11.01
CAJ FVS D . -28.29 -11.34 10.32
CBD FVS D . -28.01 -11.17 8.96
OAC FVS D . -27.24 -12.06 8.29
CAL FVS D . -28.50 -10.07 8.29
CBE FVS D . -29.30 -9.16 8.97
CAW FVS D . -29.80 -8.05 8.33
#